data_7YU4
#
_entry.id   7YU4
#
_cell.length_a   1.00
_cell.length_b   1.00
_cell.length_c   1.00
_cell.angle_alpha   90.00
_cell.angle_beta   90.00
_cell.angle_gamma   90.00
#
_symmetry.space_group_name_H-M   'P 1'
#
loop_
_entity.id
_entity.type
_entity.pdbx_description
1 polymer 'Lysophosphatidic acid receptor 1'
2 non-polymer '[(2~{R})-2-[5-(2-hexylphenyl)pentanoylamino]-3-oxidanyl-propyl] dihydrogen phosphate'
#
_entity_poly.entity_id   1
_entity_poly.type   'polypeptide(L)'
_entity_poly.pdbx_seq_one_letter_code
;DYKDDDDAMGAAISTSIPVISQPQFTAMNEPQCFYNESIAFFYNRSGKHLATEWNTVSKLVMGLGITVCIFIMLANLLVM
VAIYVNRRFHFPIYYLMANLAAADFFAGLAYFYLMFNTGPNTRRLTVSTWLLRQGLIDTSLTASVANLLAIAIERHITVF
RMQLHTRMSNRRVVVVIVVIWTMAIVMGAIPSVGWNCICDIENCSNMAPLYSDSYLVFWAIFNLVTFVVMVVLYAHIFGY
VRQRTMRMSRHSSGPRRNRDTMMSLLKTVVIVLGAFIICWTPGLVLLLLDVCCPQCDVLAYEKFFLLLAEFNSAMNPIIY
SYRDKEMSATFRQILCCQRSENPTGPTEGSDRSASSLNHTILAGVHSNDHSVVENLYFQ
;
_entity_poly.pdbx_strand_id   A
#
# COMPACT_ATOMS: atom_id res chain seq x y z
N GLN A 32 20.47 -24.12 3.74
CA GLN A 32 20.73 -24.08 2.27
C GLN A 32 20.18 -22.78 1.66
N CYS A 33 21.02 -21.78 1.50
CA CYS A 33 20.61 -20.41 1.09
C CYS A 33 21.42 -19.94 -0.12
N PHE A 34 20.74 -19.32 -1.07
CA PHE A 34 21.25 -19.08 -2.43
C PHE A 34 20.94 -17.64 -2.82
N TYR A 35 21.89 -16.74 -2.67
CA TYR A 35 21.82 -15.37 -3.25
C TYR A 35 22.56 -15.35 -4.59
N ASN A 36 23.08 -16.49 -5.02
CA ASN A 36 23.93 -16.60 -6.24
C ASN A 36 23.09 -16.38 -7.49
N GLU A 37 21.92 -17.02 -7.55
CA GLU A 37 21.05 -17.04 -8.76
C GLU A 37 20.53 -15.63 -9.04
N SER A 38 20.12 -15.41 -10.27
CA SER A 38 19.51 -14.11 -10.67
C SER A 38 17.99 -14.19 -10.51
N ILE A 39 17.28 -13.21 -11.04
CA ILE A 39 15.79 -13.16 -11.01
C ILE A 39 15.23 -14.28 -11.89
N ALA A 40 15.95 -14.65 -12.95
CA ALA A 40 15.43 -15.63 -13.92
C ALA A 40 15.23 -16.96 -13.19
N PHE A 41 16.20 -17.35 -12.37
CA PHE A 41 16.11 -18.62 -11.61
C PHE A 41 14.87 -18.58 -10.72
N PHE A 42 14.62 -17.46 -10.07
CA PHE A 42 13.52 -17.36 -9.08
C PHE A 42 12.16 -17.40 -9.78
N TYR A 43 12.01 -16.66 -10.86
CA TYR A 43 10.78 -16.74 -11.68
C TYR A 43 10.57 -18.17 -12.18
N ASN A 44 11.60 -18.79 -12.75
CA ASN A 44 11.45 -20.15 -13.33
C ASN A 44 11.13 -21.15 -12.23
N ARG A 45 11.62 -20.92 -11.01
CA ARG A 45 11.25 -21.77 -9.90
C ARG A 45 9.76 -21.60 -9.73
N SER A 46 9.33 -20.36 -9.59
CA SER A 46 7.89 -20.08 -9.40
C SER A 46 7.15 -20.36 -10.72
N GLY A 47 5.87 -19.99 -10.76
CA GLY A 47 5.01 -20.12 -11.95
C GLY A 47 5.05 -18.87 -12.81
N LYS A 48 5.88 -17.89 -12.47
CA LYS A 48 5.79 -16.56 -13.08
C LYS A 48 6.45 -16.54 -14.46
N HIS A 49 6.10 -15.53 -15.24
CA HIS A 49 6.57 -15.32 -16.62
C HIS A 49 7.33 -14.01 -16.72
N LEU A 50 8.50 -14.05 -17.35
CA LEU A 50 9.44 -12.91 -17.39
C LEU A 50 8.91 -11.82 -18.33
N ALA A 51 8.28 -12.19 -19.44
CA ALA A 51 7.78 -11.23 -20.46
C ALA A 51 8.96 -10.43 -21.02
N THR A 52 9.85 -11.11 -21.73
CA THR A 52 11.02 -10.49 -22.41
C THR A 52 10.57 -9.40 -23.38
N GLU A 53 9.42 -9.56 -24.04
CA GLU A 53 8.97 -8.60 -25.08
C GLU A 53 7.83 -7.75 -24.52
N TRP A 54 7.67 -6.56 -25.10
CA TRP A 54 6.55 -5.66 -24.74
C TRP A 54 5.21 -6.30 -25.12
N ASN A 55 4.15 -5.85 -24.48
CA ASN A 55 2.79 -6.41 -24.70
C ASN A 55 1.78 -5.28 -24.69
N THR A 56 0.63 -5.53 -25.32
CA THR A 56 -0.57 -4.64 -25.25
C THR A 56 -0.97 -4.48 -23.78
N VAL A 57 -1.05 -5.57 -23.04
CA VAL A 57 -1.42 -5.56 -21.60
C VAL A 57 -0.34 -4.79 -20.83
N SER A 58 0.93 -4.97 -21.16
CA SER A 58 2.05 -4.29 -20.46
C SER A 58 1.94 -2.78 -20.69
N LYS A 59 1.69 -2.36 -21.93
CA LYS A 59 1.56 -0.92 -22.25
C LYS A 59 0.34 -0.37 -21.53
N LEU A 60 -0.76 -1.13 -21.50
CA LEU A 60 -2.03 -0.68 -20.86
C LEU A 60 -1.78 -0.45 -19.37
N VAL A 61 -1.14 -1.40 -18.70
CA VAL A 61 -0.93 -1.30 -17.24
C VAL A 61 0.07 -0.17 -17.00
N MET A 62 1.07 0.00 -17.85
CA MET A 62 2.06 1.09 -17.65
C MET A 62 1.34 2.43 -17.74
N GLY A 63 0.48 2.59 -18.74
CA GLY A 63 -0.29 3.85 -18.90
C GLY A 63 -1.19 4.09 -17.70
N LEU A 64 -1.98 3.10 -17.28
CA LEU A 64 -2.91 3.28 -16.14
C LEU A 64 -2.13 3.52 -14.86
N GLY A 65 -1.02 2.81 -14.65
CA GLY A 65 -0.19 2.99 -13.43
C GLY A 65 0.41 4.38 -13.39
N ILE A 66 0.96 4.85 -14.51
CA ILE A 66 1.57 6.20 -14.55
C ILE A 66 0.48 7.24 -14.36
N THR A 67 -0.71 7.03 -14.91
CA THR A 67 -1.84 7.95 -14.72
C THR A 67 -2.19 8.02 -13.23
N VAL A 68 -2.34 6.86 -12.60
CA VAL A 68 -2.73 6.80 -11.16
C VAL A 68 -1.63 7.44 -10.33
N CYS A 69 -0.38 7.20 -10.65
CA CYS A 69 0.76 7.78 -9.89
C CYS A 69 0.78 9.30 -10.04
N ILE A 70 0.56 9.80 -11.25
CA ILE A 70 0.54 11.27 -11.50
C ILE A 70 -0.61 11.86 -10.68
N PHE A 71 -1.77 11.21 -10.71
CA PHE A 71 -2.95 11.70 -9.95
C PHE A 71 -2.63 11.70 -8.45
N ILE A 72 -2.03 10.64 -7.95
CA ILE A 72 -1.72 10.54 -6.50
C ILE A 72 -0.75 11.67 -6.13
N MET A 73 0.32 11.80 -6.88
CA MET A 73 1.36 12.81 -6.57
C MET A 73 0.71 14.20 -6.58
N LEU A 74 -0.02 14.56 -7.63
CA LEU A 74 -0.62 15.91 -7.74
C LEU A 74 -1.62 16.13 -6.59
N ALA A 75 -2.55 15.20 -6.37
CA ALA A 75 -3.63 15.38 -5.38
C ALA A 75 -3.06 15.51 -3.96
N ASN A 76 -2.12 14.65 -3.63
CA ASN A 76 -1.55 14.66 -2.26
C ASN A 76 -0.64 15.87 -2.08
N LEU A 77 0.06 16.29 -3.12
CA LEU A 77 0.88 17.53 -3.05
C LEU A 77 -0.06 18.70 -2.77
N LEU A 78 -1.21 18.74 -3.43
CA LEU A 78 -2.19 19.82 -3.20
C LEU A 78 -2.69 19.77 -1.74
N VAL A 79 -2.97 18.59 -1.25
CA VAL A 79 -3.51 18.43 0.14
C VAL A 79 -2.47 18.91 1.15
N MET A 80 -1.22 18.52 0.97
CA MET A 80 -0.16 18.92 1.93
C MET A 80 0.08 20.43 1.82
N VAL A 81 0.06 20.96 0.61
CA VAL A 81 0.26 22.43 0.43
C VAL A 81 -0.86 23.16 1.19
N ALA A 82 -2.11 22.70 1.07
CA ALA A 82 -3.25 23.34 1.74
C ALA A 82 -3.11 23.23 3.26
N ILE A 83 -2.85 22.02 3.76
CA ILE A 83 -2.78 21.77 5.22
C ILE A 83 -1.59 22.51 5.80
N TYR A 84 -0.63 22.95 4.99
CA TYR A 84 0.51 23.74 5.50
C TYR A 84 0.33 25.23 5.26
N VAL A 85 -0.50 25.63 4.30
CA VAL A 85 -0.66 27.09 4.01
C VAL A 85 -1.68 27.68 4.97
N ASN A 86 -2.72 26.92 5.31
CA ASN A 86 -3.73 27.41 6.27
C ASN A 86 -3.27 27.11 7.70
N ARG A 87 -3.29 28.13 8.55
CA ARG A 87 -3.17 27.96 10.01
C ARG A 87 -4.46 27.35 10.56
N ARG A 88 -5.57 27.40 9.81
CA ARG A 88 -6.86 26.77 10.18
C ARG A 88 -6.66 25.27 10.41
N PHE A 89 -5.96 24.59 9.51
CA PHE A 89 -5.66 23.16 9.62
C PHE A 89 -4.30 22.99 10.29
N HIS A 90 -4.15 23.54 11.49
CA HIS A 90 -2.90 23.39 12.28
C HIS A 90 -3.26 22.65 13.57
N PRO A 92 -4.09 18.53 15.42
CA PRO A 92 -3.68 17.14 15.28
C PRO A 92 -4.45 16.35 14.22
N ILE A 93 -5.75 16.60 14.06
CA ILE A 93 -6.54 15.86 13.03
C ILE A 93 -5.97 16.17 11.64
N TYR A 94 -5.68 17.43 11.36
CA TYR A 94 -5.16 17.79 10.03
C TYR A 94 -3.69 17.40 9.90
N TYR A 95 -2.95 17.34 11.00
CA TYR A 95 -1.57 16.79 10.95
C TYR A 95 -1.66 15.33 10.52
N LEU A 96 -2.58 14.56 11.10
CA LEU A 96 -2.69 13.14 10.70
C LEU A 96 -3.23 13.03 9.29
N MET A 97 -4.09 13.94 8.87
CA MET A 97 -4.57 13.95 7.47
C MET A 97 -3.40 14.22 6.52
N ALA A 98 -2.54 15.17 6.84
CA ALA A 98 -1.35 15.49 6.00
C ALA A 98 -0.37 14.34 6.04
N ASN A 99 -0.26 13.66 7.17
CA ASN A 99 0.64 12.48 7.27
C ASN A 99 0.11 11.37 6.37
N LEU A 100 -1.20 11.15 6.38
CA LEU A 100 -1.82 10.16 5.46
C LEU A 100 -1.54 10.60 4.02
N ALA A 101 -1.66 11.88 3.73
CA ALA A 101 -1.41 12.40 2.38
C ALA A 101 0.06 12.17 2.00
N ALA A 102 0.99 12.38 2.92
CA ALA A 102 2.43 12.16 2.63
C ALA A 102 2.68 10.68 2.40
N ALA A 103 2.07 9.79 3.17
CA ALA A 103 2.24 8.34 2.97
C ALA A 103 1.67 7.95 1.61
N ASP A 104 0.54 8.54 1.22
CA ASP A 104 -0.06 8.25 -0.10
C ASP A 104 0.86 8.79 -1.19
N PHE A 105 1.50 9.92 -0.96
CA PHE A 105 2.48 10.49 -1.91
C PHE A 105 3.64 9.50 -2.08
N PHE A 106 4.09 8.94 -0.97
CA PHE A 106 5.17 7.93 -1.00
C PHE A 106 4.69 6.68 -1.74
N ALA A 107 3.43 6.30 -1.57
CA ALA A 107 2.84 5.17 -2.32
C ALA A 107 2.84 5.48 -3.81
N GLY A 108 2.50 6.71 -4.18
CA GLY A 108 2.56 7.14 -5.59
C GLY A 108 3.97 7.03 -6.15
N LEU A 109 4.96 7.48 -5.38
CA LEU A 109 6.38 7.40 -5.81
C LEU A 109 6.79 5.93 -5.95
N ALA A 110 6.41 5.09 -4.99
CA ALA A 110 6.79 3.66 -5.00
C ALA A 110 6.17 2.99 -6.22
N TYR A 111 4.91 3.27 -6.49
CA TYR A 111 4.22 2.64 -7.65
C TYR A 111 4.78 3.19 -8.95
N PHE A 112 5.16 4.46 -8.97
CA PHE A 112 5.78 5.08 -10.16
C PHE A 112 7.12 4.43 -10.46
N TYR A 113 7.89 4.11 -9.43
CA TYR A 113 9.20 3.43 -9.62
C TYR A 113 8.98 1.96 -9.96
N LEU A 114 7.92 1.34 -9.43
CA LEU A 114 7.60 -0.07 -9.81
C LEU A 114 7.28 -0.11 -11.30
N MET A 115 6.51 0.87 -11.79
CA MET A 115 6.43 1.10 -13.24
C MET A 115 7.79 1.61 -13.74
N PHE A 116 8.03 1.45 -15.02
CA PHE A 116 9.37 1.62 -15.62
C PHE A 116 10.30 0.57 -15.05
N ASN A 117 9.74 -0.46 -14.41
CA ASN A 117 10.51 -1.65 -13.97
C ASN A 117 9.73 -2.94 -14.21
N THR A 118 8.54 -2.87 -14.81
CA THR A 118 7.76 -4.07 -15.16
C THR A 118 8.07 -4.52 -16.59
N GLY A 119 7.32 -5.51 -17.04
CA GLY A 119 7.43 -6.11 -18.38
C GLY A 119 8.89 -6.42 -18.67
N PRO A 120 9.41 -6.14 -19.88
CA PRO A 120 10.79 -6.50 -20.18
C PRO A 120 11.78 -5.86 -19.19
N ASN A 121 11.43 -4.69 -18.66
CA ASN A 121 12.33 -3.97 -17.73
C ASN A 121 12.65 -4.83 -16.50
N THR A 122 11.71 -5.66 -16.06
CA THR A 122 11.99 -6.47 -14.84
C THR A 122 13.20 -7.38 -15.09
N ARG A 123 13.39 -7.82 -16.32
CA ARG A 123 14.52 -8.71 -16.69
C ARG A 123 15.86 -8.04 -16.38
N ARG A 124 15.90 -6.71 -16.27
CA ARG A 124 17.16 -5.99 -15.96
C ARG A 124 17.46 -5.96 -14.46
N LEU A 125 16.60 -6.54 -13.61
CA LEU A 125 16.71 -6.38 -12.14
C LEU A 125 17.78 -7.31 -11.55
N THR A 126 18.15 -7.05 -10.31
CA THR A 126 18.88 -8.01 -9.44
C THR A 126 18.12 -8.24 -8.15
N VAL A 127 18.60 -9.12 -7.29
CA VAL A 127 17.90 -9.43 -6.02
C VAL A 127 17.83 -8.17 -5.15
N SER A 128 18.93 -7.45 -5.00
CA SER A 128 18.99 -6.24 -4.16
C SER A 128 18.02 -5.19 -4.71
N THR A 129 18.08 -4.93 -6.00
CA THR A 129 17.25 -3.85 -6.58
C THR A 129 15.77 -4.25 -6.49
N TRP A 130 15.45 -5.50 -6.76
CA TRP A 130 14.04 -5.95 -6.73
C TRP A 130 13.49 -5.83 -5.31
N LEU A 131 14.32 -6.20 -4.34
CA LEU A 131 13.95 -6.02 -2.91
C LEU A 131 13.77 -4.54 -2.58
N LEU A 132 14.60 -3.66 -3.15
CA LEU A 132 14.41 -2.19 -3.02
C LEU A 132 12.98 -1.85 -3.46
N ARG A 133 12.60 -2.32 -4.65
CA ARG A 133 11.30 -1.95 -5.24
C ARG A 133 10.17 -2.43 -4.33
N GLN A 134 10.21 -3.71 -3.97
CA GLN A 134 9.10 -4.30 -3.20
C GLN A 134 9.06 -3.71 -1.79
N GLY A 135 10.22 -3.35 -1.22
CA GLY A 135 10.29 -2.72 0.11
C GLY A 135 9.66 -1.34 0.08
N LEU A 136 9.92 -0.57 -0.98
CA LEU A 136 9.25 0.75 -1.10
C LEU A 136 7.73 0.52 -1.11
N ILE A 137 7.26 -0.44 -1.88
CA ILE A 137 5.79 -0.72 -1.97
C ILE A 137 5.28 -1.09 -0.58
N ASP A 138 5.98 -1.99 0.10
CA ASP A 138 5.52 -2.48 1.42
C ASP A 138 5.40 -1.31 2.41
N THR A 139 6.47 -0.54 2.55
CA THR A 139 6.50 0.53 3.56
C THR A 139 5.43 1.57 3.22
N SER A 140 5.28 1.91 1.94
CA SER A 140 4.30 2.96 1.54
C SER A 140 2.87 2.55 1.89
N LEU A 141 2.45 1.35 1.48
CA LEU A 141 1.06 0.91 1.75
C LEU A 141 0.86 0.69 3.25
N THR A 142 1.86 0.17 3.95
CA THR A 142 1.73 -0.03 5.41
C THR A 142 1.56 1.33 6.08
N ALA A 143 2.30 2.34 5.64
CA ALA A 143 2.16 3.70 6.20
C ALA A 143 0.76 4.24 5.91
N SER A 144 0.25 4.02 4.71
CA SER A 144 -1.11 4.49 4.36
C SER A 144 -2.15 3.80 5.27
N VAL A 145 -2.03 2.50 5.44
CA VAL A 145 -2.99 1.75 6.27
C VAL A 145 -2.90 2.22 7.72
N ALA A 146 -1.70 2.40 8.23
CA ALA A 146 -1.50 2.84 9.63
C ALA A 146 -2.08 4.25 9.81
N ASN A 147 -1.91 5.13 8.82
CA ASN A 147 -2.53 6.47 8.91
C ASN A 147 -4.04 6.36 8.94
N LEU A 148 -4.63 5.47 8.15
CA LEU A 148 -6.10 5.31 8.18
C LEU A 148 -6.53 4.86 9.57
N LEU A 149 -5.82 3.90 10.14
CA LEU A 149 -6.18 3.44 11.51
C LEU A 149 -5.97 4.57 12.52
N ALA A 150 -4.91 5.36 12.38
CA ALA A 150 -4.62 6.46 13.33
C ALA A 150 -5.71 7.52 13.24
N ILE A 151 -6.16 7.84 12.03
CA ILE A 151 -7.26 8.83 11.86
C ILE A 151 -8.52 8.26 12.51
N ALA A 152 -8.77 6.97 12.35
CA ALA A 152 -9.93 6.34 13.02
C ALA A 152 -9.81 6.48 14.53
N ILE A 153 -8.62 6.23 15.07
CA ILE A 153 -8.43 6.25 16.54
C ILE A 153 -8.61 7.69 17.04
N GLU A 154 -8.07 8.66 16.32
CA GLU A 154 -8.20 10.07 16.73
C GLU A 154 -9.67 10.48 16.68
N ARG A 155 -10.40 10.04 15.65
CA ARG A 155 -11.84 10.37 15.53
C ARG A 155 -12.59 9.75 16.72
N HIS A 156 -12.23 8.53 17.09
CA HIS A 156 -12.86 7.86 18.25
C HIS A 156 -12.61 8.69 19.52
N ILE A 157 -11.38 9.10 19.72
CA ILE A 157 -11.01 9.87 20.93
C ILE A 157 -11.77 11.20 20.94
N THR A 158 -11.80 11.90 19.80
CA THR A 158 -12.46 13.21 19.68
C THR A 158 -13.97 13.04 19.95
N VAL A 159 -14.58 12.01 19.39
CA VAL A 159 -16.04 11.76 19.59
C VAL A 159 -16.31 11.47 21.06
N SER A 169 -2.43 19.56 22.79
CA SER A 169 -0.99 19.72 22.48
C SER A 169 -0.67 18.90 21.23
N ASN A 170 0.62 18.80 20.91
CA ASN A 170 1.10 18.06 19.73
C ASN A 170 1.87 16.82 20.18
N ARG A 171 1.47 16.20 21.28
CA ARG A 171 2.23 15.06 21.87
C ARG A 171 1.73 13.75 21.25
N ARG A 172 0.46 13.42 21.45
CA ARG A 172 -0.10 12.16 20.91
C ARG A 172 0.01 12.11 19.39
N VAL A 173 -0.15 13.24 18.71
CA VAL A 173 -0.12 13.28 17.22
C VAL A 173 1.29 12.95 16.72
N VAL A 174 2.33 13.53 17.30
CA VAL A 174 3.71 13.22 16.83
C VAL A 174 4.12 11.83 17.31
N VAL A 175 3.62 11.39 18.45
CA VAL A 175 3.90 10.02 18.89
C VAL A 175 3.28 9.04 17.88
N VAL A 176 2.04 9.26 17.47
CA VAL A 176 1.41 8.30 16.53
C VAL A 176 2.06 8.45 15.17
N ILE A 177 2.50 9.63 14.76
CA ILE A 177 3.18 9.76 13.44
C ILE A 177 4.48 8.97 13.46
N VAL A 178 5.27 9.10 14.53
CA VAL A 178 6.55 8.35 14.56
C VAL A 178 6.25 6.85 14.72
N VAL A 179 5.19 6.47 15.42
CA VAL A 179 4.83 5.03 15.51
C VAL A 179 4.45 4.51 14.13
N ILE A 180 3.65 5.26 13.39
CA ILE A 180 3.22 4.85 12.03
C ILE A 180 4.47 4.70 11.15
N TRP A 181 5.34 5.68 11.15
CA TRP A 181 6.49 5.64 10.22
C TRP A 181 7.49 4.57 10.65
N THR A 182 7.72 4.39 11.95
CA THR A 182 8.63 3.34 12.45
C THR A 182 8.08 1.96 12.07
N MET A 183 6.79 1.75 12.27
CA MET A 183 6.18 0.46 11.93
C MET A 183 6.24 0.26 10.41
N ALA A 184 5.98 1.28 9.62
CA ALA A 184 6.02 1.16 8.14
C ALA A 184 7.44 0.79 7.68
N ILE A 185 8.45 1.47 8.21
CA ILE A 185 9.85 1.22 7.78
C ILE A 185 10.26 -0.18 8.23
N VAL A 186 9.93 -0.56 9.45
CA VAL A 186 10.35 -1.90 9.93
C VAL A 186 9.61 -2.98 9.13
N MET A 187 8.36 -2.74 8.78
CA MET A 187 7.57 -3.72 7.99
C MET A 187 8.12 -3.82 6.56
N GLY A 188 8.59 -2.72 5.99
CA GLY A 188 9.13 -2.73 4.62
C GLY A 188 10.56 -3.23 4.59
N ALA A 189 11.23 -3.28 5.74
CA ALA A 189 12.64 -3.70 5.79
C ALA A 189 12.78 -5.15 6.27
N ILE A 190 11.86 -5.68 7.08
CA ILE A 190 11.98 -7.06 7.60
C ILE A 190 12.18 -8.09 6.48
N PRO A 191 11.35 -8.11 5.41
CA PRO A 191 11.63 -9.06 4.32
C PRO A 191 12.93 -8.74 3.57
N SER A 192 13.32 -7.47 3.51
CA SER A 192 14.56 -7.02 2.83
C SER A 192 15.79 -7.52 3.59
N VAL A 193 15.63 -8.00 4.82
CA VAL A 193 16.79 -8.38 5.65
C VAL A 193 16.72 -9.88 5.94
N GLY A 194 15.68 -10.30 6.66
CA GLY A 194 15.65 -11.62 7.35
C GLY A 194 14.51 -12.51 6.89
N TRP A 195 13.33 -11.94 6.66
CA TRP A 195 12.09 -12.74 6.54
C TRP A 195 11.76 -12.92 5.07
N ASN A 196 12.48 -13.82 4.41
CA ASN A 196 12.23 -14.11 2.97
C ASN A 196 12.80 -15.48 2.64
N CYS A 197 12.53 -15.95 1.44
CA CYS A 197 12.82 -17.35 1.07
C CYS A 197 14.13 -17.45 0.31
N ILE A 198 15.09 -16.59 0.61
CA ILE A 198 16.50 -16.83 0.21
C ILE A 198 16.92 -18.21 0.73
N CYS A 199 16.39 -18.66 1.84
CA CYS A 199 16.87 -19.90 2.49
C CYS A 199 15.91 -21.08 2.30
N ASP A 200 14.60 -20.86 2.15
CA ASP A 200 13.65 -21.95 1.83
C ASP A 200 13.02 -21.67 0.48
N ILE A 201 13.59 -22.24 -0.56
CA ILE A 201 13.04 -22.11 -1.94
C ILE A 201 11.66 -22.74 -1.96
N GLU A 202 11.49 -23.92 -1.36
CA GLU A 202 10.21 -24.69 -1.44
C GLU A 202 9.06 -23.89 -0.82
N ASN A 203 9.28 -23.34 0.37
CA ASN A 203 8.20 -22.71 1.18
C ASN A 203 8.25 -21.20 1.00
N CYS A 204 7.83 -20.69 -0.15
CA CYS A 204 7.52 -19.25 -0.30
C CYS A 204 6.58 -19.01 -1.48
N SER A 205 6.17 -17.75 -1.59
CA SER A 205 4.97 -17.34 -2.34
C SER A 205 5.15 -17.60 -3.83
N ASN A 206 4.03 -17.51 -4.54
CA ASN A 206 3.98 -17.72 -6.01
C ASN A 206 4.15 -16.39 -6.75
N MET A 207 3.69 -15.29 -6.17
CA MET A 207 3.66 -13.98 -6.87
C MET A 207 4.95 -13.21 -6.59
N ALA A 208 5.25 -12.99 -5.32
CA ALA A 208 6.58 -12.50 -4.90
C ALA A 208 7.43 -13.76 -4.78
N PRO A 209 8.31 -14.03 -5.75
CA PRO A 209 9.08 -15.28 -5.69
C PRO A 209 10.00 -15.40 -4.48
N LEU A 210 10.29 -14.28 -3.79
CA LEU A 210 11.25 -14.30 -2.67
C LEU A 210 10.60 -14.09 -1.32
N TYR A 211 9.53 -13.31 -1.23
CA TYR A 211 8.82 -13.19 0.06
C TYR A 211 8.21 -14.56 0.39
N SER A 212 8.10 -14.84 1.67
CA SER A 212 7.63 -16.17 2.14
C SER A 212 6.14 -16.13 2.46
N ASP A 213 5.54 -17.32 2.47
CA ASP A 213 4.12 -17.47 2.86
C ASP A 213 3.92 -16.91 4.26
N SER A 214 4.90 -17.09 5.14
CA SER A 214 4.83 -16.52 6.50
C SER A 214 4.70 -15.00 6.42
N TYR A 215 5.52 -14.35 5.62
CA TYR A 215 5.47 -12.88 5.51
C TYR A 215 4.15 -12.41 4.92
N LEU A 216 3.67 -13.11 3.89
CA LEU A 216 2.40 -12.68 3.24
C LEU A 216 1.23 -12.88 4.21
N VAL A 217 1.21 -14.00 4.93
CA VAL A 217 0.17 -14.22 5.96
C VAL A 217 0.26 -13.10 6.99
N PHE A 218 1.46 -12.76 7.45
CA PHE A 218 1.64 -11.72 8.48
C PHE A 218 1.05 -10.42 7.96
N TRP A 219 1.43 -10.00 6.77
CA TRP A 219 1.02 -8.69 6.24
C TRP A 219 -0.50 -8.67 6.08
N ALA A 220 -1.06 -9.74 5.54
CA ALA A 220 -2.49 -9.77 5.24
C ALA A 220 -3.32 -9.82 6.54
N ILE A 221 -2.92 -10.58 7.55
CA ILE A 221 -3.66 -10.61 8.84
C ILE A 221 -3.47 -9.27 9.55
N PHE A 222 -2.31 -8.65 9.42
CA PHE A 222 -2.09 -7.31 9.97
C PHE A 222 -3.11 -6.33 9.37
N ASN A 223 -3.24 -6.34 8.05
CA ASN A 223 -4.19 -5.44 7.37
C ASN A 223 -5.63 -5.81 7.74
N LEU A 224 -5.94 -7.10 7.86
CA LEU A 224 -7.31 -7.55 8.18
C LEU A 224 -7.69 -7.06 9.60
N VAL A 225 -6.80 -7.23 10.56
CA VAL A 225 -7.13 -6.80 11.94
C VAL A 225 -7.17 -5.27 11.97
N THR A 226 -6.35 -4.60 11.17
CA THR A 226 -6.45 -3.13 11.11
C THR A 226 -7.84 -2.73 10.60
N PHE A 227 -8.33 -3.40 9.57
CA PHE A 227 -9.65 -3.06 9.01
C PHE A 227 -10.75 -3.36 10.02
N VAL A 228 -10.68 -4.47 10.73
CA VAL A 228 -11.77 -4.79 11.71
C VAL A 228 -11.67 -3.81 12.88
N VAL A 229 -10.48 -3.36 13.23
CA VAL A 229 -10.37 -2.32 14.27
C VAL A 229 -11.02 -1.03 13.79
N MET A 230 -10.79 -0.63 12.55
CA MET A 230 -11.43 0.58 11.99
C MET A 230 -12.95 0.38 12.01
N VAL A 231 -13.43 -0.81 11.65
CA VAL A 231 -14.90 -1.06 11.61
C VAL A 231 -15.46 -0.98 13.02
N VAL A 232 -14.79 -1.56 14.00
CA VAL A 232 -15.35 -1.54 15.37
C VAL A 232 -15.29 -0.12 15.93
N LEU A 233 -14.23 0.60 15.67
CA LEU A 233 -14.15 2.01 16.17
C LEU A 233 -15.28 2.80 15.55
N TYR A 234 -15.47 2.70 14.25
CA TYR A 234 -16.46 3.56 13.58
C TYR A 234 -17.86 3.13 13.97
N ALA A 235 -18.10 1.84 14.12
CA ALA A 235 -19.42 1.37 14.55
C ALA A 235 -19.72 1.86 15.97
N HIS A 236 -18.73 1.83 16.84
CA HIS A 236 -18.92 2.34 18.22
C HIS A 236 -19.20 3.84 18.17
N ILE A 237 -18.50 4.55 17.29
CA ILE A 237 -18.73 6.01 17.12
C ILE A 237 -20.20 6.22 16.72
N PHE A 238 -20.66 5.51 15.70
CA PHE A 238 -22.03 5.71 15.17
C PHE A 238 -23.04 5.36 16.25
N GLY A 239 -22.85 4.25 16.96
CA GLY A 239 -23.76 3.81 18.02
C GLY A 239 -23.82 4.82 19.15
N LEU A 265 -23.33 11.32 9.01
CA LEU A 265 -22.35 10.47 9.71
C LEU A 265 -22.37 9.07 9.09
N LEU A 266 -23.55 8.54 8.79
CA LEU A 266 -23.66 7.19 8.20
C LEU A 266 -23.02 7.19 6.81
N LYS A 267 -23.29 8.20 6.00
CA LYS A 267 -22.67 8.29 4.65
C LYS A 267 -21.16 8.35 4.78
N THR A 268 -20.64 9.15 5.68
CA THR A 268 -19.18 9.30 5.83
C THR A 268 -18.57 7.97 6.29
N VAL A 269 -19.15 7.35 7.27
CA VAL A 269 -18.62 6.06 7.79
C VAL A 269 -18.67 5.03 6.66
N VAL A 270 -19.79 4.94 5.95
CA VAL A 270 -19.96 3.87 4.92
C VAL A 270 -18.93 4.11 3.84
N ILE A 271 -18.75 5.33 3.39
CA ILE A 271 -17.81 5.55 2.25
C ILE A 271 -16.37 5.34 2.73
N VAL A 272 -16.06 5.74 3.95
CA VAL A 272 -14.69 5.55 4.49
C VAL A 272 -14.39 4.05 4.59
N LEU A 273 -15.31 3.27 5.11
CA LEU A 273 -15.06 1.81 5.21
C LEU A 273 -15.13 1.18 3.81
N GLY A 274 -15.99 1.67 2.94
CA GLY A 274 -16.21 1.07 1.61
C GLY A 274 -14.99 1.24 0.73
N ALA A 275 -14.35 2.41 0.74
CA ALA A 275 -13.12 2.61 -0.04
C ALA A 275 -12.11 1.52 0.36
N PHE A 276 -11.90 1.37 1.65
CA PHE A 276 -10.94 0.38 2.16
C PHE A 276 -11.35 -1.03 1.75
N ILE A 277 -12.62 -1.40 1.91
CA ILE A 277 -13.03 -2.80 1.65
C ILE A 277 -12.89 -3.10 0.14
N ILE A 278 -13.38 -2.20 -0.71
CA ILE A 278 -13.39 -2.47 -2.17
C ILE A 278 -12.00 -2.27 -2.77
N CYS A 279 -11.06 -1.70 -2.04
CA CYS A 279 -9.69 -1.57 -2.58
C CYS A 279 -8.69 -2.50 -1.88
N TRP A 280 -9.09 -3.20 -0.83
CA TRP A 280 -8.16 -4.12 -0.13
C TRP A 280 -8.62 -5.56 -0.12
N THR A 281 -9.91 -5.82 0.04
CA THR A 281 -10.39 -7.21 0.17
C THR A 281 -9.91 -8.03 -1.03
N PRO A 282 -9.99 -7.53 -2.28
CA PRO A 282 -9.36 -8.24 -3.40
C PRO A 282 -7.92 -8.67 -3.11
N GLY A 283 -7.05 -7.72 -2.78
CA GLY A 283 -5.62 -7.98 -2.58
C GLY A 283 -5.41 -8.97 -1.43
N LEU A 284 -6.11 -8.76 -0.32
CA LEU A 284 -5.88 -9.60 0.86
C LEU A 284 -6.38 -11.03 0.61
N VAL A 285 -7.53 -11.18 -0.02
CA VAL A 285 -8.06 -12.54 -0.31
C VAL A 285 -7.13 -13.20 -1.33
N LEU A 286 -6.62 -12.44 -2.28
CA LEU A 286 -5.64 -12.96 -3.28
C LEU A 286 -4.39 -13.48 -2.54
N LEU A 287 -3.87 -12.73 -1.58
CA LEU A 287 -2.63 -13.15 -0.89
C LEU A 287 -2.91 -14.39 -0.03
N LEU A 288 -4.05 -14.41 0.65
CA LEU A 288 -4.41 -15.60 1.44
C LEU A 288 -4.54 -16.81 0.51
N LEU A 289 -5.13 -16.63 -0.67
CA LEU A 289 -5.26 -17.75 -1.62
C LEU A 289 -3.88 -18.25 -2.00
N ASP A 290 -2.95 -17.34 -2.30
CA ASP A 290 -1.59 -17.73 -2.70
C ASP A 290 -0.95 -18.57 -1.59
N VAL A 291 -1.13 -18.15 -0.35
CA VAL A 291 -0.39 -18.80 0.77
C VAL A 291 -1.14 -20.01 1.29
N CYS A 292 -2.41 -20.20 0.96
CA CYS A 292 -3.21 -21.31 1.56
C CYS A 292 -3.58 -22.37 0.51
N CYS A 293 -4.15 -21.95 -0.62
CA CYS A 293 -4.66 -22.91 -1.62
C CYS A 293 -3.57 -23.20 -2.64
N PRO A 294 -3.14 -24.46 -2.79
CA PRO A 294 -2.39 -24.86 -3.97
C PRO A 294 -3.30 -25.03 -5.19
N GLN A 295 -2.76 -24.72 -6.36
CA GLN A 295 -3.42 -24.87 -7.68
C GLN A 295 -4.63 -23.95 -7.76
N CYS A 296 -4.68 -22.90 -6.95
CA CYS A 296 -5.57 -21.75 -7.21
C CYS A 296 -4.81 -20.75 -8.06
N ASP A 297 -5.16 -20.65 -9.34
CA ASP A 297 -4.45 -19.78 -10.29
C ASP A 297 -4.74 -18.34 -9.87
N VAL A 298 -3.83 -17.78 -9.09
CA VAL A 298 -4.03 -16.46 -8.43
C VAL A 298 -3.10 -15.40 -9.04
N LEU A 299 -2.15 -15.79 -9.87
CA LEU A 299 -1.22 -14.83 -10.50
C LEU A 299 -1.97 -14.00 -11.54
N ALA A 300 -3.10 -14.49 -12.04
CA ALA A 300 -3.80 -13.90 -13.20
C ALA A 300 -4.28 -12.48 -12.87
N TYR A 301 -4.85 -12.27 -11.68
CA TYR A 301 -5.52 -10.99 -11.38
C TYR A 301 -4.67 -10.18 -10.40
N GLU A 302 -3.35 -10.26 -10.54
CA GLU A 302 -2.41 -9.64 -9.57
C GLU A 302 -2.12 -8.20 -10.00
N LYS A 303 -1.82 -8.03 -11.27
CA LYS A 303 -1.30 -6.76 -11.81
C LYS A 303 -2.38 -5.68 -11.72
N PHE A 304 -3.66 -6.06 -11.74
CA PHE A 304 -4.77 -5.09 -11.64
C PHE A 304 -5.16 -4.88 -10.18
N PHE A 305 -5.05 -5.90 -9.34
CA PHE A 305 -5.39 -5.76 -7.91
C PHE A 305 -4.39 -4.83 -7.24
N LEU A 306 -3.13 -4.87 -7.63
CA LEU A 306 -2.16 -3.89 -7.09
C LEU A 306 -2.56 -2.49 -7.55
N LEU A 307 -3.00 -2.34 -8.78
CA LEU A 307 -3.47 -1.03 -9.27
C LEU A 307 -4.65 -0.56 -8.44
N LEU A 308 -5.54 -1.47 -8.06
CA LEU A 308 -6.70 -1.12 -7.19
C LEU A 308 -6.20 -0.66 -5.81
N ALA A 309 -5.21 -1.36 -5.26
CA ALA A 309 -4.65 -0.99 -3.94
C ALA A 309 -4.04 0.41 -4.01
N GLU A 310 -3.40 0.76 -5.11
CA GLU A 310 -2.84 2.12 -5.26
C GLU A 310 -3.96 3.13 -5.56
N PHE A 311 -5.02 2.70 -6.23
CA PHE A 311 -6.19 3.58 -6.45
C PHE A 311 -6.83 3.95 -5.10
N ASN A 312 -6.69 3.09 -4.11
CA ASN A 312 -7.15 3.44 -2.75
C ASN A 312 -6.45 4.70 -2.27
N SER A 313 -5.12 4.70 -2.33
CA SER A 313 -4.32 5.90 -1.96
C SER A 313 -4.64 7.06 -2.91
N ALA A 314 -5.06 6.78 -4.13
CA ALA A 314 -5.52 7.85 -5.05
C ALA A 314 -6.78 8.52 -4.49
N MET A 315 -7.74 7.73 -4.02
CA MET A 315 -9.04 8.25 -3.55
C MET A 315 -8.91 8.87 -2.14
N ASN A 316 -7.96 8.43 -1.33
CA ASN A 316 -7.88 8.89 0.10
C ASN A 316 -7.86 10.41 0.23
N PRO A 317 -7.06 11.16 -0.55
CA PRO A 317 -7.08 12.61 -0.43
C PRO A 317 -8.44 13.26 -0.68
N ILE A 318 -9.26 12.72 -1.56
CA ILE A 318 -10.61 13.31 -1.79
C ILE A 318 -11.62 12.68 -0.84
N ILE A 319 -11.36 11.49 -0.32
CA ILE A 319 -12.25 10.89 0.70
C ILE A 319 -12.14 11.68 2.00
N TYR A 320 -10.94 12.08 2.38
CA TYR A 320 -10.70 12.75 3.68
C TYR A 320 -10.60 14.26 3.54
N SER A 321 -11.04 14.82 2.42
CA SER A 321 -11.06 16.30 2.26
C SER A 321 -12.35 16.79 1.61
N TYR A 322 -13.32 15.93 1.29
CA TYR A 322 -14.55 16.40 0.61
C TYR A 322 -15.50 17.02 1.62
N ARG A 323 -15.52 16.50 2.84
CA ARG A 323 -16.50 16.96 3.85
C ARG A 323 -16.17 18.39 4.29
N ASP A 324 -14.89 18.72 4.39
CA ASP A 324 -14.47 20.07 4.85
C ASP A 324 -14.79 21.08 3.77
N LYS A 325 -15.86 21.86 3.98
CA LYS A 325 -16.18 23.00 3.10
C LYS A 325 -15.04 24.02 3.14
N GLU A 326 -14.39 24.18 4.29
CA GLU A 326 -13.22 25.07 4.43
C GLU A 326 -12.11 24.58 3.51
N MET A 327 -11.84 23.28 3.48
CA MET A 327 -10.78 22.72 2.61
C MET A 327 -11.20 22.86 1.15
N SER A 328 -12.48 22.66 0.83
CA SER A 328 -12.99 22.81 -0.55
C SER A 328 -12.73 24.25 -1.03
N ALA A 329 -13.05 25.24 -0.18
CA ALA A 329 -12.79 26.66 -0.50
C ALA A 329 -11.29 26.90 -0.58
N THR A 330 -10.51 26.21 0.24
CA THR A 330 -9.04 26.33 0.26
C THR A 330 -8.47 25.93 -1.10
N PHE A 331 -8.91 24.82 -1.67
CA PHE A 331 -8.27 24.28 -2.88
C PHE A 331 -8.25 25.34 -3.99
N ARG A 332 -7.04 25.81 -4.30
CA ARG A 332 -6.79 26.90 -5.28
C ARG A 332 -5.32 26.87 -5.71
#